data_4X2J
#
_entry.id   4X2J
#
_cell.length_a   42.310
_cell.length_b   77.510
_cell.length_c   90.200
_cell.angle_alpha   90.00
_cell.angle_beta   90.00
_cell.angle_gamma   90.00
#
_symmetry.space_group_name_H-M   'P 21 21 21'
#
loop_
_entity.id
_entity.type
_entity.pdbx_description
1 polymer 'TGF-beta receptor type-1'
2 non-polymer 4-[(3-aminophenyl)amino]pyrido[2,3-d]pyrimidin-5(8H)-one
3 non-polymer 'SULFATE ION'
4 water water
#
_entity_poly.entity_id   1
_entity_poly.type   'polypeptide(L)'
_entity_poly.pdbx_seq_one_letter_code
;GTIARTIVLQESIGKGRFGEVWRGKWRGEEVAVKIFSSREERSWFREAEIYQTVMLRHENILGFIAADNKDNGTWTQLWL
VSDYHEHGSLFDYLNRYTVTVEGMIKLALSTASGLAHLHMEIVGTQGKPAIAHRDLKSKNILVKKNGTCCIADLGLAVRH
DSATDTIDIAPNHRVGTKRYMAPEVLDDSINMKHFESFKRADIYAMGLVFWEIARRCSIGGIHEDYQLPYYDLVPSDPSV
EEMRKVVCEQKLRPNIPNRWQSCEALRVMAKIMRECWYANGAARLTALRIKKTLSQLSQQEGIKM
;
_entity_poly.pdbx_strand_id   A
#
loop_
_chem_comp.id
_chem_comp.type
_chem_comp.name
_chem_comp.formula
3WN non-polymer 4-[(3-aminophenyl)amino]pyrido[2,3-d]pyrimidin-5(8H)-one 'C13 H11 N5 O'
SO4 non-polymer 'SULFATE ION' 'O4 S -2'
#
# COMPACT_ATOMS: atom_id res chain seq x y z
N GLY A 1 22.12 13.86 -13.25
CA GLY A 1 21.48 14.32 -14.47
C GLY A 1 20.78 15.66 -14.31
N THR A 2 20.04 16.03 -15.35
CA THR A 2 19.43 17.35 -15.42
C THR A 2 18.38 17.62 -14.37
N ILE A 3 17.74 16.58 -13.84
CA ILE A 3 16.73 16.81 -12.81
C ILE A 3 17.40 16.90 -11.48
N ALA A 4 18.23 15.90 -11.07
CA ALA A 4 18.86 15.97 -9.73
C ALA A 4 19.68 17.20 -9.50
N ARG A 5 20.36 17.75 -10.55
CA ARG A 5 21.18 18.96 -10.37
C ARG A 5 20.39 20.22 -9.99
N THR A 6 19.07 20.24 -10.24
CA THR A 6 18.16 21.37 -10.00
C THR A 6 17.30 21.18 -8.76
N ILE A 7 17.56 20.12 -7.99
CA ILE A 7 16.79 19.81 -6.82
C ILE A 7 17.59 20.12 -5.57
N VAL A 8 16.93 20.77 -4.58
CA VAL A 8 17.59 21.09 -3.31
C VAL A 8 16.89 20.28 -2.23
N LEU A 9 17.66 19.45 -1.54
CA LEU A 9 17.15 18.64 -0.45
C LEU A 9 16.97 19.53 0.79
N GLN A 10 15.81 19.44 1.40
CA GLN A 10 15.48 20.34 2.52
C GLN A 10 15.42 19.63 3.86
N GLU A 11 15.03 18.36 3.86
CA GLU A 11 14.83 17.62 5.13
C GLU A 11 14.74 16.14 4.88
N SER A 12 15.45 15.35 5.69
CA SER A 12 15.36 13.90 5.65
C SER A 12 14.10 13.55 6.41
N ILE A 13 13.12 12.96 5.73
CA ILE A 13 11.83 12.67 6.38
C ILE A 13 11.66 11.19 6.82
N GLY A 14 12.46 10.28 6.29
CA GLY A 14 12.33 8.88 6.69
C GLY A 14 13.47 7.98 6.26
N LYS A 15 13.79 6.98 7.09
CA LYS A 15 14.83 6.00 6.80
C LYS A 15 14.20 4.60 6.81
N GLY A 16 14.06 4.00 5.64
CA GLY A 16 13.52 2.64 5.50
C GLY A 16 14.61 1.60 5.33
N ARG A 17 14.20 0.36 5.04
CA ARG A 17 15.15 -0.74 4.80
C ARG A 17 15.90 -0.49 3.48
N PHE A 18 15.17 0.00 2.46
CA PHE A 18 15.71 0.36 1.16
C PHE A 18 15.53 1.86 0.93
N GLY A 19 16.64 2.59 0.96
CA GLY A 19 16.66 4.02 0.73
C GLY A 19 16.19 4.89 1.88
N GLU A 20 16.42 6.20 1.73
CA GLU A 20 16.09 7.25 2.70
C GLU A 20 15.22 8.25 1.94
N VAL A 21 14.10 8.70 2.52
CA VAL A 21 13.23 9.68 1.83
C VAL A 21 13.51 11.11 2.31
N TRP A 22 13.59 12.06 1.35
CA TRP A 22 13.83 13.46 1.65
C TRP A 22 12.77 14.33 1.02
N ARG A 23 12.46 15.45 1.64
CA ARG A 23 11.61 16.48 1.07
C ARG A 23 12.60 17.40 0.35
N GLY A 24 12.35 17.64 -0.92
CA GLY A 24 13.18 18.49 -1.76
C GLY A 24 12.34 19.52 -2.49
N LYS A 25 13.02 20.44 -3.15
CA LYS A 25 12.37 21.49 -3.93
C LYS A 25 12.87 21.40 -5.37
N TRP A 26 11.94 21.22 -6.35
CA TRP A 26 12.25 21.12 -7.77
C TRP A 26 11.44 22.15 -8.49
N ARG A 27 12.09 23.11 -9.18
CA ARG A 27 11.44 24.18 -9.94
C ARG A 27 10.37 24.84 -9.08
N GLY A 28 10.77 25.13 -7.83
CA GLY A 28 9.96 25.81 -6.83
C GLY A 28 8.85 24.99 -6.21
N GLU A 29 8.74 23.68 -6.55
CA GLU A 29 7.69 22.80 -6.03
C GLU A 29 8.28 21.81 -5.09
N GLU A 30 7.52 21.39 -4.08
CA GLU A 30 8.00 20.33 -3.19
C GLU A 30 7.91 19.00 -3.92
N VAL A 31 8.91 18.13 -3.73
CA VAL A 31 8.99 16.79 -4.30
C VAL A 31 9.53 15.87 -3.21
N ALA A 32 9.31 14.58 -3.38
CA ALA A 32 9.88 13.62 -2.44
C ALA A 32 11.00 12.95 -3.19
N VAL A 33 12.12 12.78 -2.55
CA VAL A 33 13.22 12.13 -3.22
C VAL A 33 13.63 10.93 -2.37
N LYS A 34 13.64 9.74 -2.95
CA LYS A 34 14.12 8.55 -2.25
C LYS A 34 15.56 8.29 -2.76
N ILE A 35 16.55 8.23 -1.83
CA ILE A 35 17.96 8.10 -2.18
C ILE A 35 18.50 6.79 -1.70
N PHE A 36 19.23 6.11 -2.59
CA PHE A 36 19.87 4.81 -2.35
C PHE A 36 21.34 5.02 -2.57
N SER A 37 22.15 4.25 -1.85
CA SER A 37 23.57 4.31 -2.07
C SER A 37 23.93 3.42 -3.26
N SER A 38 25.17 3.53 -3.74
CA SER A 38 25.74 2.79 -4.87
C SER A 38 25.56 1.29 -4.67
N ARG A 39 25.63 0.78 -3.43
CA ARG A 39 25.53 -0.65 -3.18
C ARG A 39 24.04 -1.17 -3.16
N GLU A 40 23.06 -0.24 -3.32
CA GLU A 40 21.63 -0.55 -3.31
C GLU A 40 21.05 -0.37 -4.72
N GLU A 41 21.89 -0.49 -5.75
CA GLU A 41 21.49 -0.25 -7.13
C GLU A 41 20.39 -1.18 -7.59
N ARG A 42 20.44 -2.47 -7.18
CA ARG A 42 19.41 -3.42 -7.58
C ARG A 42 18.00 -2.98 -7.11
N SER A 43 17.91 -2.53 -5.84
CA SER A 43 16.65 -2.06 -5.24
CA SER A 43 16.67 -2.05 -5.22
C SER A 43 16.18 -0.78 -5.91
N TRP A 44 17.10 0.17 -6.16
CA TRP A 44 16.76 1.41 -6.82
C TRP A 44 16.26 1.12 -8.26
N PHE A 45 16.97 0.24 -9.01
CA PHE A 45 16.62 -0.03 -10.42
C PHE A 45 15.25 -0.71 -10.50
N ARG A 46 15.03 -1.70 -9.65
CA ARG A 46 13.72 -2.38 -9.61
C ARG A 46 12.58 -1.41 -9.31
N GLU A 47 12.75 -0.52 -8.35
CA GLU A 47 11.68 0.42 -8.02
C GLU A 47 11.46 1.38 -9.22
N ALA A 48 12.55 1.89 -9.81
CA ALA A 48 12.41 2.75 -11.02
C ALA A 48 11.64 1.98 -12.11
N GLU A 49 11.94 0.69 -12.29
CA GLU A 49 11.29 -0.18 -13.26
C GLU A 49 9.80 -0.30 -13.02
N ILE A 50 9.39 -0.60 -11.79
CA ILE A 50 7.95 -0.69 -11.52
C ILE A 50 7.24 0.66 -11.72
N TYR A 51 7.85 1.76 -11.24
CA TYR A 51 7.22 3.06 -11.38
C TYR A 51 7.11 3.54 -12.79
N GLN A 52 7.89 2.95 -13.75
CA GLN A 52 7.82 3.33 -15.16
C GLN A 52 6.92 2.41 -15.97
N THR A 53 6.21 1.49 -15.30
CA THR A 53 5.27 0.61 -15.97
C THR A 53 4.30 1.42 -16.82
N VAL A 54 4.08 0.97 -18.06
CA VAL A 54 3.18 1.64 -19.00
C VAL A 54 1.79 1.74 -18.37
N MET A 55 1.13 2.90 -18.53
N MET A 55 1.15 2.91 -18.50
CA MET A 55 -0.22 3.17 -18.04
CA MET A 55 -0.21 3.18 -18.02
C MET A 55 -0.39 3.03 -16.50
C MET A 55 -0.39 3.03 -16.50
N LEU A 56 0.70 3.10 -15.72
CA LEU A 56 0.59 2.95 -14.27
C LEU A 56 -0.13 4.16 -13.61
N ARG A 57 0.06 5.37 -14.13
CA ARG A 57 -0.38 6.60 -13.45
C ARG A 57 -1.85 6.60 -13.14
N HIS A 58 -2.19 6.97 -11.90
CA HIS A 58 -3.57 6.93 -11.43
C HIS A 58 -3.61 7.84 -10.23
N GLU A 59 -4.76 8.48 -9.97
CA GLU A 59 -4.85 9.41 -8.83
C GLU A 59 -4.56 8.72 -7.50
N ASN A 60 -4.68 7.38 -7.46
CA ASN A 60 -4.46 6.69 -6.20
C ASN A 60 -3.21 5.83 -6.18
N ILE A 61 -2.23 6.18 -7.02
N ILE A 61 -2.23 6.21 -7.02
CA ILE A 61 -0.91 5.55 -7.01
CA ILE A 61 -0.90 5.60 -7.09
C ILE A 61 0.07 6.73 -6.99
C ILE A 61 0.05 6.79 -6.97
N LEU A 62 1.10 6.65 -6.15
CA LEU A 62 2.07 7.75 -6.02
C LEU A 62 2.62 8.20 -7.39
N GLY A 63 2.55 9.50 -7.67
CA GLY A 63 3.00 10.08 -8.94
C GLY A 63 4.50 10.06 -9.08
N PHE A 64 5.05 9.27 -10.01
CA PHE A 64 6.50 9.19 -10.17
C PHE A 64 6.96 10.25 -11.16
N ILE A 65 8.09 10.91 -10.86
CA ILE A 65 8.63 11.94 -11.74
C ILE A 65 9.83 11.42 -12.53
N ALA A 66 10.89 10.95 -11.83
CA ALA A 66 12.06 10.48 -12.55
C ALA A 66 13.04 9.75 -11.68
N ALA A 67 13.84 8.88 -12.33
CA ALA A 67 14.99 8.27 -11.72
C ALA A 67 16.17 9.18 -12.13
N ASP A 68 17.17 9.27 -11.29
CA ASP A 68 18.35 10.10 -11.58
C ASP A 68 19.46 9.65 -10.67
N ASN A 69 20.65 10.23 -10.88
N ASN A 69 20.61 10.28 -10.78
CA ASN A 69 21.91 9.99 -10.19
CA ASN A 69 21.73 10.04 -9.89
C ASN A 69 22.49 11.37 -9.80
C ASN A 69 22.41 11.37 -9.70
N LYS A 70 23.14 11.47 -8.62
CA LYS A 70 23.80 12.74 -8.24
C LYS A 70 25.14 12.42 -7.61
N ASP A 71 26.20 13.02 -8.17
CA ASP A 71 27.55 12.86 -7.65
C ASP A 71 27.91 14.14 -6.91
N ASN A 72 28.18 14.02 -5.63
CA ASN A 72 28.51 15.19 -4.81
C ASN A 72 30.00 15.53 -4.83
N GLY A 73 30.78 14.74 -5.55
CA GLY A 73 32.23 14.91 -5.66
C GLY A 73 32.97 13.89 -4.82
N THR A 74 32.25 13.12 -3.98
CA THR A 74 32.84 12.05 -3.17
C THR A 74 32.16 10.71 -3.46
N TRP A 75 30.82 10.70 -3.52
CA TRP A 75 30.05 9.47 -3.80
C TRP A 75 28.87 9.74 -4.67
N THR A 76 28.35 8.68 -5.30
CA THR A 76 27.16 8.80 -6.13
C THR A 76 25.95 8.35 -5.34
N GLN A 77 24.85 9.10 -5.48
CA GLN A 77 23.54 8.81 -4.87
C GLN A 77 22.61 8.43 -6.02
N LEU A 78 21.76 7.42 -5.83
CA LEU A 78 20.75 6.99 -6.79
C LEU A 78 19.39 7.52 -6.29
N TRP A 79 18.73 8.33 -7.12
CA TRP A 79 17.50 9.02 -6.75
C TRP A 79 16.28 8.50 -7.45
N LEU A 80 15.13 8.51 -6.72
CA LEU A 80 13.81 8.32 -7.30
C LEU A 80 13.01 9.54 -6.85
N VAL A 81 12.55 10.39 -7.79
CA VAL A 81 11.84 11.64 -7.48
C VAL A 81 10.38 11.44 -7.71
N SER A 82 9.55 11.81 -6.72
N SER A 82 9.55 11.77 -6.69
CA SER A 82 8.10 11.65 -6.84
CA SER A 82 8.10 11.62 -6.79
C SER A 82 7.37 12.87 -6.30
C SER A 82 7.37 12.86 -6.26
N ASP A 83 6.03 12.84 -6.37
CA ASP A 83 5.18 13.89 -5.83
C ASP A 83 5.37 13.85 -4.32
N TYR A 84 5.27 14.99 -3.67
CA TYR A 84 5.37 15.09 -2.23
C TYR A 84 3.97 15.25 -1.63
N HIS A 85 3.66 14.44 -0.61
CA HIS A 85 2.40 14.52 0.14
C HIS A 85 2.71 14.82 1.60
N GLU A 86 2.40 16.06 1.98
CA GLU A 86 2.69 16.59 3.32
C GLU A 86 2.18 15.74 4.51
N HIS A 87 0.97 15.17 4.41
CA HIS A 87 0.44 14.32 5.52
C HIS A 87 1.30 13.09 5.79
N GLY A 88 2.03 12.67 4.77
CA GLY A 88 2.84 11.46 4.85
C GLY A 88 1.96 10.22 4.84
N SER A 89 2.40 9.20 5.55
CA SER A 89 1.69 7.93 5.52
C SER A 89 0.33 7.95 6.21
N LEU A 90 -0.53 7.02 5.78
CA LEU A 90 -1.81 6.77 6.39
C LEU A 90 -1.56 6.38 7.87
N PHE A 91 -0.44 5.65 8.15
CA PHE A 91 -0.06 5.26 9.52
C PHE A 91 0.13 6.54 10.35
N ASP A 92 0.91 7.50 9.84
CA ASP A 92 1.10 8.76 10.57
C ASP A 92 -0.22 9.48 10.72
N TYR A 93 -1.01 9.53 9.64
CA TYR A 93 -2.27 10.27 9.61
C TYR A 93 -3.28 9.70 10.64
N LEU A 94 -3.38 8.38 10.74
CA LEU A 94 -4.33 7.76 11.69
C LEU A 94 -3.83 7.86 13.13
N ASN A 95 -2.52 8.01 13.32
CA ASN A 95 -1.98 8.17 14.68
C ASN A 95 -2.28 9.55 15.15
N ARG A 96 -2.17 10.54 14.25
CA ARG A 96 -2.39 11.95 14.61
C ARG A 96 -3.86 12.34 14.71
N TYR A 97 -4.70 11.80 13.82
CA TYR A 97 -6.11 12.21 13.74
C TYR A 97 -7.11 11.11 13.85
N THR A 98 -8.36 11.53 14.09
CA THR A 98 -9.53 10.68 13.96
C THR A 98 -10.17 11.14 12.64
N VAL A 99 -11.08 10.33 12.07
CA VAL A 99 -11.71 10.71 10.81
C VAL A 99 -13.22 10.71 10.95
N THR A 100 -13.96 11.43 10.08
CA THR A 100 -15.42 11.39 10.06
C THR A 100 -15.82 10.11 9.30
N VAL A 101 -17.13 9.79 9.23
CA VAL A 101 -17.60 8.65 8.43
C VAL A 101 -17.19 8.94 6.95
N GLU A 102 -17.36 10.22 6.53
CA GLU A 102 -16.98 10.63 5.18
C GLU A 102 -15.51 10.44 4.95
N GLY A 103 -14.68 10.88 5.92
CA GLY A 103 -13.23 10.76 5.86
C GLY A 103 -12.82 9.31 5.76
N MET A 104 -13.48 8.44 6.54
CA MET A 104 -13.17 7.01 6.50
C MET A 104 -13.43 6.42 5.12
N ILE A 105 -14.60 6.71 4.55
CA ILE A 105 -14.98 6.19 3.22
C ILE A 105 -14.00 6.68 2.16
N LYS A 106 -13.64 7.97 2.18
CA LYS A 106 -12.70 8.57 1.24
C LYS A 106 -11.35 7.84 1.29
N LEU A 107 -10.82 7.55 2.50
CA LEU A 107 -9.54 6.83 2.63
C LEU A 107 -9.64 5.39 2.16
N ALA A 108 -10.72 4.68 2.52
CA ALA A 108 -10.88 3.27 2.15
C ALA A 108 -11.12 3.13 0.61
N LEU A 109 -12.01 3.97 0.07
CA LEU A 109 -12.37 3.90 -1.36
C LEU A 109 -11.18 4.22 -2.23
N SER A 110 -10.39 5.22 -1.84
CA SER A 110 -9.22 5.59 -2.65
C SER A 110 -8.14 4.53 -2.60
N THR A 111 -7.96 3.87 -1.43
CA THR A 111 -7.01 2.75 -1.31
C THR A 111 -7.45 1.63 -2.24
N ALA A 112 -8.75 1.27 -2.19
CA ALA A 112 -9.27 0.19 -3.04
C ALA A 112 -9.18 0.54 -4.51
N SER A 113 -9.36 1.83 -4.88
CA SER A 113 -9.29 2.24 -6.29
CA SER A 113 -9.28 2.25 -6.28
C SER A 113 -7.86 2.11 -6.79
N GLY A 114 -6.89 2.48 -5.94
CA GLY A 114 -5.49 2.37 -6.31
C GLY A 114 -5.09 0.92 -6.49
N LEU A 115 -5.60 0.05 -5.60
CA LEU A 115 -5.26 -1.37 -5.66
C LEU A 115 -5.92 -2.04 -6.83
N ALA A 116 -7.16 -1.66 -7.14
CA ALA A 116 -7.89 -2.20 -8.30
C ALA A 116 -7.10 -1.82 -9.58
N HIS A 117 -6.58 -0.58 -9.67
CA HIS A 117 -5.78 -0.15 -10.82
C HIS A 117 -4.45 -0.95 -10.89
N LEU A 118 -3.72 -1.13 -9.77
CA LEU A 118 -2.49 -1.94 -9.79
C LEU A 118 -2.80 -3.33 -10.31
N HIS A 119 -3.84 -3.99 -9.73
CA HIS A 119 -4.24 -5.34 -10.10
C HIS A 119 -4.77 -5.51 -11.52
N MET A 120 -5.29 -4.44 -12.16
CA MET A 120 -5.94 -4.56 -13.46
C MET A 120 -4.94 -4.69 -14.61
N GLU A 121 -5.18 -5.69 -15.49
CA GLU A 121 -4.40 -5.79 -16.72
C GLU A 121 -5.16 -4.96 -17.78
N ILE A 122 -4.43 -4.19 -18.60
CA ILE A 122 -5.02 -3.44 -19.70
C ILE A 122 -4.33 -4.04 -20.93
N VAL A 123 -5.11 -4.58 -21.87
CA VAL A 123 -4.54 -5.24 -23.05
C VAL A 123 -4.45 -4.22 -24.18
N GLY A 124 -3.33 -4.24 -24.92
CA GLY A 124 -3.15 -3.31 -26.03
C GLY A 124 -1.73 -2.93 -26.31
N THR A 125 -1.53 -2.05 -27.31
CA THR A 125 -0.25 -1.51 -27.74
C THR A 125 0.47 -0.79 -26.57
N GLN A 126 -0.31 -0.06 -25.78
CA GLN A 126 0.15 0.63 -24.58
C GLN A 126 -0.51 -0.07 -23.40
N GLY A 127 -0.41 -1.39 -23.40
CA GLY A 127 -1.00 -2.25 -22.38
C GLY A 127 -0.31 -2.13 -21.04
N LYS A 128 -1.04 -2.42 -19.97
CA LYS A 128 -0.52 -2.37 -18.62
C LYS A 128 -0.57 -3.81 -18.07
N PRO A 129 0.55 -4.34 -17.51
CA PRO A 129 0.49 -5.66 -16.89
C PRO A 129 -0.21 -5.58 -15.53
N ALA A 130 -0.80 -6.69 -15.07
CA ALA A 130 -1.34 -6.71 -13.71
C ALA A 130 -0.14 -6.65 -12.76
N ILE A 131 -0.32 -5.94 -11.63
CA ILE A 131 0.77 -5.79 -10.68
C ILE A 131 0.26 -6.14 -9.28
N ALA A 132 1.05 -6.89 -8.52
CA ALA A 132 0.73 -7.20 -7.12
C ALA A 132 1.78 -6.48 -6.26
N HIS A 133 1.35 -5.82 -5.19
CA HIS A 133 2.24 -4.99 -4.34
C HIS A 133 3.21 -5.81 -3.49
N ARG A 134 2.70 -6.82 -2.79
CA ARG A 134 3.42 -7.71 -1.88
C ARG A 134 3.84 -7.09 -0.57
N ASP A 135 3.55 -5.80 -0.35
CA ASP A 135 3.93 -5.18 0.92
C ASP A 135 2.96 -4.06 1.27
N LEU A 136 1.65 -4.33 1.10
CA LEU A 136 0.67 -3.29 1.38
C LEU A 136 0.49 -3.21 2.90
N LYS A 137 0.53 -1.98 3.42
CA LYS A 137 0.41 -1.68 4.87
C LYS A 137 0.15 -0.21 5.02
N SER A 138 -0.34 0.24 6.18
CA SER A 138 -0.65 1.67 6.32
C SER A 138 0.58 2.57 6.24
N LYS A 139 1.77 2.03 6.54
CA LYS A 139 3.01 2.81 6.38
C LYS A 139 3.40 2.99 4.91
N ASN A 140 2.80 2.22 3.95
CA ASN A 140 3.09 2.30 2.51
C ASN A 140 2.03 3.01 1.69
N ILE A 141 1.07 3.61 2.35
CA ILE A 141 -0.02 4.36 1.71
C ILE A 141 0.14 5.79 2.17
N LEU A 142 0.08 6.75 1.25
CA LEU A 142 0.20 8.17 1.62
C LEU A 142 -1.13 8.85 1.56
N VAL A 143 -1.31 9.93 2.34
CA VAL A 143 -2.56 10.70 2.33
C VAL A 143 -2.34 12.03 1.65
N LYS A 144 -3.19 12.35 0.68
CA LYS A 144 -3.09 13.58 -0.09
C LYS A 144 -3.83 14.68 0.63
N LYS A 145 -3.59 15.92 0.19
CA LYS A 145 -4.21 17.13 0.72
C LYS A 145 -5.71 17.02 0.71
N ASN A 146 -6.29 16.35 -0.31
CA ASN A 146 -7.74 16.23 -0.41
C ASN A 146 -8.36 15.11 0.44
N GLY A 147 -7.57 14.46 1.31
CA GLY A 147 -8.09 13.39 2.15
C GLY A 147 -8.26 12.02 1.52
N THR A 148 -7.72 11.86 0.30
CA THR A 148 -7.71 10.57 -0.38
C THR A 148 -6.29 9.98 -0.31
N CYS A 149 -6.17 8.66 -0.54
CA CYS A 149 -4.87 7.97 -0.45
C CYS A 149 -4.24 7.71 -1.78
N CYS A 150 -2.92 7.45 -1.77
CA CYS A 150 -2.23 6.92 -2.92
C CYS A 150 -1.24 5.86 -2.45
N ILE A 151 -1.22 4.73 -3.15
CA ILE A 151 -0.34 3.62 -2.77
C ILE A 151 1.08 3.94 -3.22
N ALA A 152 2.04 3.69 -2.33
CA ALA A 152 3.44 4.02 -2.57
C ALA A 152 4.25 2.78 -2.27
N ASP A 153 5.56 2.93 -2.36
CA ASP A 153 6.52 1.87 -2.06
C ASP A 153 6.24 0.62 -2.83
N LEU A 154 6.34 0.77 -4.15
CA LEU A 154 6.10 -0.32 -5.10
C LEU A 154 7.36 -1.14 -5.42
N GLY A 155 8.48 -0.90 -4.73
CA GLY A 155 9.72 -1.62 -5.01
C GLY A 155 9.69 -3.13 -4.87
N LEU A 156 8.72 -3.70 -4.08
CA LEU A 156 8.63 -5.17 -3.95
C LEU A 156 7.58 -5.79 -4.85
N ALA A 157 6.96 -4.97 -5.71
CA ALA A 157 5.92 -5.46 -6.58
C ALA A 157 6.39 -6.54 -7.59
N VAL A 158 5.42 -7.32 -8.10
CA VAL A 158 5.62 -8.32 -9.14
C VAL A 158 4.61 -8.03 -10.23
N ARG A 159 5.02 -8.30 -11.49
CA ARG A 159 4.24 -8.03 -12.67
C ARG A 159 3.94 -9.31 -13.41
N HIS A 160 2.69 -9.44 -13.88
CA HIS A 160 2.23 -10.63 -14.60
C HIS A 160 2.36 -10.50 -16.12
N ASP A 161 2.77 -11.61 -16.81
CA ASP A 161 2.83 -11.77 -18.28
C ASP A 161 1.66 -12.70 -18.56
N SER A 162 0.48 -12.13 -18.88
CA SER A 162 -0.79 -12.82 -19.04
C SER A 162 -0.85 -13.95 -20.07
N ALA A 163 -0.17 -13.82 -21.22
CA ALA A 163 -0.22 -14.84 -22.26
C ALA A 163 0.40 -16.17 -21.84
N THR A 164 1.47 -16.13 -21.02
CA THR A 164 2.14 -17.34 -20.54
C THR A 164 1.81 -17.67 -19.08
N ASP A 165 1.14 -16.75 -18.36
CA ASP A 165 0.81 -16.91 -16.94
C ASP A 165 2.14 -17.05 -16.15
N THR A 166 3.07 -16.07 -16.37
CA THR A 166 4.40 -16.03 -15.70
C THR A 166 4.62 -14.69 -15.03
N ILE A 167 5.42 -14.69 -13.97
CA ILE A 167 5.72 -13.49 -13.17
C ILE A 167 7.11 -13.00 -13.56
N ASP A 168 7.26 -11.67 -13.79
CA ASP A 168 8.47 -11.06 -14.36
C ASP A 168 9.76 -11.36 -13.60
N ILE A 169 9.69 -11.55 -12.26
CA ILE A 169 10.91 -11.84 -11.49
C ILE A 169 10.88 -13.24 -10.82
N ALA A 170 9.89 -14.09 -11.19
CA ALA A 170 9.74 -15.47 -10.68
C ALA A 170 10.08 -15.56 -9.17
N PRO A 171 9.26 -14.92 -8.30
CA PRO A 171 9.57 -14.92 -6.87
C PRO A 171 9.55 -16.31 -6.26
N ASN A 172 10.62 -16.66 -5.55
CA ASN A 172 10.78 -17.95 -4.90
C ASN A 172 11.04 -17.81 -3.40
N HIS A 173 10.78 -16.60 -2.87
CA HIS A 173 10.93 -16.32 -1.44
C HIS A 173 9.92 -15.29 -0.96
N ARG A 174 9.58 -15.41 0.32
CA ARG A 174 8.65 -14.55 1.05
C ARG A 174 9.33 -13.19 1.26
N VAL A 175 8.56 -12.12 1.06
CA VAL A 175 9.01 -10.74 1.20
C VAL A 175 7.86 -10.00 1.93
N GLY A 176 8.10 -8.75 2.30
CA GLY A 176 7.09 -7.89 2.88
C GLY A 176 7.09 -7.87 4.38
N THR A 177 6.16 -7.10 4.92
CA THR A 177 5.99 -6.87 6.35
C THR A 177 5.26 -8.04 7.02
N LYS A 178 5.90 -8.67 7.98
CA LYS A 178 5.41 -9.90 8.61
C LYS A 178 3.99 -9.77 9.18
N ARG A 179 3.71 -8.64 9.83
CA ARG A 179 2.41 -8.39 10.43
C ARG A 179 1.25 -8.49 9.43
N TYR A 180 1.49 -8.05 8.18
CA TYR A 180 0.47 -7.99 7.16
C TYR A 180 0.44 -9.20 6.20
N MET A 181 1.32 -10.21 6.45
CA MET A 181 1.40 -11.37 5.57
C MET A 181 0.14 -12.20 5.65
N ALA A 182 -0.36 -12.61 4.49
CA ALA A 182 -1.56 -13.43 4.42
C ALA A 182 -1.29 -14.83 5.01
N PRO A 183 -2.34 -15.54 5.48
CA PRO A 183 -2.11 -16.87 6.07
C PRO A 183 -1.32 -17.80 5.16
N GLU A 184 -1.60 -17.80 3.84
CA GLU A 184 -0.89 -18.66 2.87
C GLU A 184 0.57 -18.26 2.68
N VAL A 185 0.90 -17.00 2.99
CA VAL A 185 2.29 -16.55 2.92
C VAL A 185 3.01 -17.01 4.20
N LEU A 186 2.36 -16.85 5.34
CA LEU A 186 2.92 -17.24 6.66
C LEU A 186 3.22 -18.72 6.77
N ASP A 187 2.31 -19.57 6.28
CA ASP A 187 2.52 -21.02 6.37
C ASP A 187 3.21 -21.62 5.12
N ASP A 188 3.58 -20.73 4.18
CA ASP A 188 4.27 -21.03 2.91
C ASP A 188 3.52 -21.99 1.97
N SER A 189 2.19 -22.02 2.06
CA SER A 189 1.35 -22.83 1.18
C SER A 189 1.04 -22.12 -0.15
N ILE A 190 1.31 -20.81 -0.23
CA ILE A 190 1.01 -20.05 -1.46
C ILE A 190 1.78 -20.59 -2.66
N ASN A 191 1.13 -20.63 -3.80
CA ASN A 191 1.77 -21.08 -5.02
C ASN A 191 2.38 -19.85 -5.66
N MET A 192 3.70 -19.67 -5.51
CA MET A 192 4.39 -18.47 -6.01
C MET A 192 4.53 -18.43 -7.53
N LYS A 193 4.00 -19.45 -8.24
CA LYS A 193 3.93 -19.48 -9.70
C LYS A 193 2.56 -18.92 -10.16
N HIS A 194 1.61 -18.80 -9.21
CA HIS A 194 0.22 -18.39 -9.45
C HIS A 194 -0.01 -16.90 -9.14
N PHE A 195 0.03 -16.05 -10.17
CA PHE A 195 -0.12 -14.60 -9.98
C PHE A 195 -1.38 -14.17 -9.17
N GLU A 196 -2.51 -14.82 -9.44
CA GLU A 196 -3.77 -14.55 -8.73
C GLU A 196 -3.58 -14.73 -7.23
N SER A 197 -2.69 -15.64 -6.82
CA SER A 197 -2.40 -15.77 -5.39
C SER A 197 -1.77 -14.51 -4.80
N PHE A 198 -0.95 -13.77 -5.59
CA PHE A 198 -0.37 -12.55 -5.03
C PHE A 198 -1.43 -11.43 -4.89
N LYS A 199 -2.37 -11.34 -5.83
CA LYS A 199 -3.46 -10.38 -5.75
C LYS A 199 -4.29 -10.68 -4.51
N ARG A 200 -4.59 -11.95 -4.28
CA ARG A 200 -5.39 -12.32 -3.11
C ARG A 200 -4.72 -11.99 -1.78
N ALA A 201 -3.39 -12.13 -1.71
CA ALA A 201 -2.64 -11.81 -0.49
C ALA A 201 -2.65 -10.30 -0.22
N ASP A 202 -2.67 -9.48 -1.29
CA ASP A 202 -2.75 -8.02 -1.17
C ASP A 202 -4.10 -7.65 -0.56
N ILE A 203 -5.21 -8.33 -0.97
CA ILE A 203 -6.55 -8.07 -0.45
C ILE A 203 -6.62 -8.32 1.03
N TYR A 204 -6.02 -9.41 1.50
CA TYR A 204 -5.94 -9.67 2.94
C TYR A 204 -5.26 -8.49 3.67
N ALA A 205 -4.10 -8.00 3.16
CA ALA A 205 -3.43 -6.86 3.78
C ALA A 205 -4.28 -5.58 3.71
N MET A 206 -5.01 -5.37 2.62
CA MET A 206 -5.90 -4.20 2.53
C MET A 206 -7.03 -4.28 3.60
N GLY A 207 -7.49 -5.49 3.88
CA GLY A 207 -8.46 -5.71 4.93
C GLY A 207 -7.98 -5.22 6.28
N LEU A 208 -6.70 -5.50 6.58
CA LEU A 208 -6.09 -5.08 7.85
C LEU A 208 -5.96 -3.55 7.88
N VAL A 209 -5.66 -2.93 6.74
CA VAL A 209 -5.56 -1.46 6.64
C VAL A 209 -6.96 -0.87 6.89
N PHE A 210 -8.02 -1.49 6.31
CA PHE A 210 -9.38 -0.95 6.53
C PHE A 210 -9.77 -0.96 8.02
N TRP A 211 -9.35 -2.03 8.75
CA TRP A 211 -9.59 -2.17 10.19
C TRP A 211 -8.89 -1.02 10.91
N GLU A 212 -7.67 -0.66 10.48
CA GLU A 212 -6.91 0.45 11.08
C GLU A 212 -7.67 1.76 10.92
N ILE A 213 -8.24 1.99 9.74
CA ILE A 213 -8.96 3.24 9.45
C ILE A 213 -10.23 3.30 10.26
N ALA A 214 -11.04 2.22 10.21
CA ALA A 214 -12.34 2.17 10.91
C ALA A 214 -12.24 2.44 12.41
N ARG A 215 -11.12 1.98 13.06
CA ARG A 215 -10.96 2.26 14.50
C ARG A 215 -10.92 3.77 14.76
N ARG A 216 -10.44 4.54 13.78
CA ARG A 216 -10.25 5.97 13.95
C ARG A 216 -11.45 6.77 13.47
N CYS A 217 -12.52 6.10 13.07
CA CYS A 217 -13.76 6.77 12.66
C CYS A 217 -14.50 7.21 13.92
N SER A 218 -14.71 8.54 14.06
CA SER A 218 -15.31 9.15 15.24
C SER A 218 -16.78 9.52 14.99
N ILE A 219 -17.69 8.80 15.66
CA ILE A 219 -19.15 9.00 15.55
C ILE A 219 -19.70 9.28 16.93
N GLY A 220 -20.31 10.45 17.11
CA GLY A 220 -20.85 10.89 18.39
C GLY A 220 -19.77 10.87 19.47
N GLY A 221 -18.55 11.20 19.05
CA GLY A 221 -17.36 11.24 19.89
C GLY A 221 -16.77 9.89 20.23
N ILE A 222 -17.35 8.80 19.69
CA ILE A 222 -16.90 7.42 19.96
C ILE A 222 -15.90 6.97 18.90
N HIS A 223 -14.71 6.49 19.35
CA HIS A 223 -13.64 5.94 18.52
C HIS A 223 -12.60 5.14 19.34
N GLU A 224 -11.77 4.36 18.65
CA GLU A 224 -10.72 3.56 19.30
C GLU A 224 -9.37 4.28 19.16
N ASP A 225 -8.39 3.98 20.06
CA ASP A 225 -7.04 4.56 19.96
C ASP A 225 -6.35 3.92 18.74
N TYR A 226 -5.35 4.56 18.14
CA TYR A 226 -4.70 3.91 17.01
C TYR A 226 -3.96 2.64 17.44
N GLN A 227 -4.11 1.58 16.64
CA GLN A 227 -3.37 0.35 16.84
C GLN A 227 -3.09 -0.31 15.51
N LEU A 228 -1.93 -0.98 15.42
CA LEU A 228 -1.58 -1.81 14.26
C LEU A 228 -2.40 -3.07 14.39
N PRO A 229 -2.71 -3.76 13.28
CA PRO A 229 -3.46 -5.02 13.42
C PRO A 229 -2.65 -6.04 14.21
N TYR A 230 -3.33 -6.84 15.04
CA TYR A 230 -2.71 -7.86 15.89
C TYR A 230 -1.91 -7.28 17.06
N TYR A 231 -2.15 -5.98 17.41
CA TYR A 231 -1.45 -5.30 18.52
C TYR A 231 -1.69 -6.01 19.85
N ASP A 232 -2.81 -6.72 19.93
CA ASP A 232 -3.33 -7.40 21.12
C ASP A 232 -2.86 -8.86 21.21
N LEU A 233 -2.06 -9.31 20.22
CA LEU A 233 -1.69 -10.71 20.09
C LEU A 233 -0.21 -11.01 19.76
N VAL A 234 0.53 -10.02 19.24
CA VAL A 234 1.94 -10.23 18.88
C VAL A 234 2.80 -9.06 19.37
N PRO A 235 4.10 -9.25 19.50
CA PRO A 235 4.99 -8.13 19.86
C PRO A 235 5.26 -7.16 18.69
N SER A 236 5.85 -5.99 18.97
CA SER A 236 6.29 -5.07 17.90
C SER A 236 7.39 -5.85 17.13
N ASP A 237 7.53 -5.61 15.81
CA ASP A 237 8.46 -6.36 14.94
C ASP A 237 8.27 -7.89 15.10
N PRO A 238 7.04 -8.43 14.87
CA PRO A 238 6.83 -9.87 15.09
C PRO A 238 7.56 -10.72 14.06
N SER A 239 7.86 -11.95 14.45
CA SER A 239 8.49 -12.89 13.56
C SER A 239 7.43 -13.59 12.73
N VAL A 240 7.89 -14.32 11.71
CA VAL A 240 6.99 -15.13 10.89
C VAL A 240 6.29 -16.18 11.78
N GLU A 241 7.06 -16.88 12.64
CA GLU A 241 6.54 -17.88 13.57
C GLU A 241 5.45 -17.29 14.49
N GLU A 242 5.70 -16.10 15.09
CA GLU A 242 4.72 -15.43 15.98
C GLU A 242 3.42 -15.15 15.26
N MET A 243 3.51 -14.62 14.03
CA MET A 243 2.35 -14.30 13.22
C MET A 243 1.64 -15.58 12.83
N ARG A 244 2.37 -16.58 12.39
CA ARG A 244 1.78 -17.85 11.94
C ARG A 244 0.95 -18.52 13.04
N LYS A 245 1.47 -18.53 14.29
CA LYS A 245 0.77 -19.12 15.43
C LYS A 245 -0.58 -18.47 15.67
N VAL A 246 -0.66 -17.16 15.43
CA VAL A 246 -1.91 -16.44 15.62
C VAL A 246 -2.86 -16.58 14.43
N VAL A 247 -2.38 -16.22 13.23
CA VAL A 247 -3.19 -16.11 12.02
C VAL A 247 -3.58 -17.48 11.43
N CYS A 248 -2.63 -18.44 11.44
CA CYS A 248 -2.85 -19.77 10.86
C CYS A 248 -3.29 -20.81 11.84
N GLU A 249 -2.67 -20.86 13.04
CA GLU A 249 -2.95 -21.92 14.00
C GLU A 249 -4.13 -21.61 14.86
N GLN A 250 -4.14 -20.44 15.52
CA GLN A 250 -5.28 -20.11 16.39
C GLN A 250 -6.41 -19.53 15.53
N LYS A 251 -6.07 -19.12 14.28
CA LYS A 251 -6.99 -18.60 13.25
C LYS A 251 -7.73 -17.32 13.71
N LEU A 252 -7.00 -16.43 14.41
CA LEU A 252 -7.54 -15.16 14.87
C LEU A 252 -7.36 -14.08 13.84
N ARG A 253 -8.21 -13.07 13.91
CA ARG A 253 -8.13 -11.88 13.07
C ARG A 253 -8.33 -10.67 13.98
N PRO A 254 -8.06 -9.42 13.54
CA PRO A 254 -8.31 -8.28 14.43
C PRO A 254 -9.78 -8.23 14.87
N ASN A 255 -10.05 -7.80 16.11
CA ASN A 255 -11.41 -7.77 16.65
C ASN A 255 -12.26 -6.73 15.94
N ILE A 256 -13.51 -7.12 15.59
CA ILE A 256 -14.51 -6.24 15.02
C ILE A 256 -15.51 -5.91 16.13
N PRO A 257 -15.54 -4.68 16.62
CA PRO A 257 -16.49 -4.37 17.70
C PRO A 257 -17.95 -4.43 17.25
N ASN A 258 -18.85 -4.93 18.10
CA ASN A 258 -20.27 -5.01 17.75
C ASN A 258 -20.88 -3.65 17.44
N ARG A 259 -20.33 -2.58 18.04
CA ARG A 259 -20.83 -1.22 17.81
C ARG A 259 -20.61 -0.72 16.36
N TRP A 260 -19.79 -1.44 15.54
CA TRP A 260 -19.65 -1.12 14.12
C TRP A 260 -20.92 -1.60 13.33
N GLN A 261 -21.84 -2.35 13.98
N GLN A 261 -21.84 -2.35 13.98
CA GLN A 261 -23.09 -2.82 13.37
CA GLN A 261 -23.09 -2.82 13.37
C GLN A 261 -24.21 -1.77 13.49
C GLN A 261 -24.21 -1.77 13.49
N SER A 262 -24.07 -0.82 14.45
CA SER A 262 -25.05 0.26 14.70
C SER A 262 -24.93 1.46 13.74
N CYS A 263 -23.92 1.44 12.85
CA CYS A 263 -23.67 2.49 11.87
C CYS A 263 -23.49 1.79 10.50
N GLU A 264 -24.27 2.21 9.48
CA GLU A 264 -24.28 1.63 8.13
C GLU A 264 -22.89 1.59 7.45
N ALA A 265 -22.18 2.73 7.46
CA ALA A 265 -20.85 2.86 6.91
C ALA A 265 -19.90 1.86 7.57
N LEU A 266 -19.92 1.80 8.92
CA LEU A 266 -19.06 0.83 9.63
C LEU A 266 -19.46 -0.62 9.41
N ARG A 267 -20.74 -0.87 9.17
CA ARG A 267 -21.27 -2.21 8.92
C ARG A 267 -20.73 -2.73 7.60
N VAL A 268 -20.79 -1.89 6.55
CA VAL A 268 -20.28 -2.20 5.23
C VAL A 268 -18.79 -2.43 5.36
N MET A 269 -18.06 -1.52 6.07
CA MET A 269 -16.61 -1.67 6.28
C MET A 269 -16.29 -3.00 7.01
N ALA A 270 -17.06 -3.35 8.04
CA ALA A 270 -16.83 -4.61 8.78
C ALA A 270 -17.02 -5.83 7.90
N LYS A 271 -18.05 -5.79 7.05
CA LYS A 271 -18.37 -6.90 6.16
C LYS A 271 -17.20 -7.09 5.18
N ILE A 272 -16.67 -5.98 4.62
CA ILE A 272 -15.51 -6.00 3.70
C ILE A 272 -14.31 -6.63 4.44
N MET A 273 -13.99 -6.14 5.65
CA MET A 273 -12.85 -6.74 6.38
C MET A 273 -12.96 -8.24 6.49
N ARG A 274 -14.13 -8.76 6.99
CA ARG A 274 -14.32 -10.21 7.15
C ARG A 274 -14.10 -10.93 5.83
N GLU A 275 -14.54 -10.32 4.68
CA GLU A 275 -14.45 -10.95 3.36
C GLU A 275 -13.09 -10.80 2.70
N CYS A 276 -12.17 -10.09 3.36
CA CYS A 276 -10.78 -9.94 2.94
C CYS A 276 -9.98 -10.93 3.77
N TRP A 277 -10.53 -11.39 4.91
CA TRP A 277 -9.78 -12.14 5.89
C TRP A 277 -9.96 -13.64 5.86
N TYR A 278 -10.71 -14.15 4.91
CA TYR A 278 -10.86 -15.59 4.79
C TYR A 278 -9.52 -16.25 4.66
N ALA A 279 -9.36 -17.43 5.30
CA ALA A 279 -8.10 -18.18 5.17
C ALA A 279 -7.92 -18.61 3.67
N ASN A 280 -9.03 -18.93 2.96
CA ASN A 280 -8.98 -19.31 1.56
C ASN A 280 -8.93 -18.05 0.68
N GLY A 281 -7.76 -17.78 0.08
CA GLY A 281 -7.55 -16.63 -0.79
C GLY A 281 -8.60 -16.49 -1.88
N ALA A 282 -8.99 -17.61 -2.48
CA ALA A 282 -10.01 -17.65 -3.55
C ALA A 282 -11.40 -17.11 -3.12
N ALA A 283 -11.72 -17.13 -1.81
CA ALA A 283 -13.00 -16.67 -1.31
C ALA A 283 -13.01 -15.15 -1.11
N ARG A 284 -11.81 -14.52 -1.06
CA ARG A 284 -11.70 -13.08 -0.81
C ARG A 284 -12.34 -12.24 -1.91
N LEU A 285 -12.80 -11.03 -1.53
CA LEU A 285 -13.32 -10.03 -2.45
C LEU A 285 -12.17 -9.59 -3.35
N THR A 286 -12.48 -9.10 -4.54
CA THR A 286 -11.47 -8.52 -5.40
C THR A 286 -11.41 -7.04 -5.07
N ALA A 287 -10.33 -6.38 -5.48
CA ALA A 287 -10.21 -4.95 -5.26
C ALA A 287 -11.29 -4.19 -6.03
N LEU A 288 -11.63 -4.63 -7.28
CA LEU A 288 -12.70 -4.00 -8.07
C LEU A 288 -14.05 -4.06 -7.37
N ARG A 289 -14.38 -5.21 -6.77
CA ARG A 289 -15.63 -5.41 -6.04
C ARG A 289 -15.68 -4.49 -4.83
N ILE A 290 -14.57 -4.39 -4.07
CA ILE A 290 -14.50 -3.47 -2.93
C ILE A 290 -14.69 -2.03 -3.39
N LYS A 291 -14.04 -1.68 -4.52
CA LYS A 291 -14.19 -0.34 -5.08
C LYS A 291 -15.66 -0.07 -5.41
N LYS A 292 -16.34 -1.05 -6.03
CA LYS A 292 -17.76 -0.89 -6.38
C LYS A 292 -18.65 -0.70 -5.15
N THR A 293 -18.41 -1.48 -4.09
CA THR A 293 -19.16 -1.42 -2.83
C THR A 293 -18.99 -0.06 -2.15
N LEU A 294 -17.73 0.42 -2.04
CA LEU A 294 -17.45 1.70 -1.39
C LEU A 294 -17.89 2.91 -2.22
N SER A 295 -17.84 2.80 -3.57
CA SER A 295 -18.33 3.83 -4.49
C SER A 295 -19.82 4.02 -4.26
N GLN A 296 -20.58 2.91 -4.07
CA GLN A 296 -22.01 2.94 -3.80
C GLN A 296 -22.28 3.61 -2.46
N LEU A 297 -21.48 3.28 -1.42
CA LEU A 297 -21.58 3.87 -0.08
C LEU A 297 -21.27 5.37 -0.12
N SER A 298 -20.24 5.80 -0.88
CA SER A 298 -19.83 7.20 -1.03
C SER A 298 -20.98 8.03 -1.66
N GLN A 299 -21.65 7.44 -2.66
CA GLN A 299 -22.78 8.06 -3.36
C GLN A 299 -23.94 8.27 -2.37
N GLN A 300 -24.27 7.23 -1.59
CA GLN A 300 -25.33 7.26 -0.59
C GLN A 300 -25.10 8.32 0.50
N GLU A 301 -23.81 8.56 0.85
CA GLU A 301 -23.38 9.52 1.88
C GLU A 301 -23.25 10.97 1.37
N GLY A 302 -23.11 11.16 0.07
CA GLY A 302 -23.02 12.49 -0.54
C GLY A 302 -21.67 13.15 -0.42
N ILE A 303 -20.59 12.34 -0.46
CA ILE A 303 -19.22 12.83 -0.38
C ILE A 303 -18.85 13.58 -1.68
C1 3WN B . 6.76 10.64 3.40
C2 3WN B . 6.01 11.75 3.28
C8 3WN B . 5.69 11.40 -1.35
C10 3WN B . 6.97 9.79 -0.30
C13 3WN B . 8.28 8.05 -1.44
C13 3WN B . 8.27 8.07 -1.46
C14 3WN B . 7.93 6.74 -1.72
C14 3WN B . 9.01 8.80 -2.39
C15 3WN B . 9.35 6.80 -3.67
C15 3WN B . 9.27 6.78 -3.71
C16 3WN B . 9.73 8.10 -3.37
C16 3WN B . 8.54 6.07 -2.78
N3 3WN B . 5.58 12.21 2.09
C4 3WN B . 7.16 9.92 2.25
C5 3WN B . 6.69 10.41 0.94
C6 3WN B . 5.88 11.59 0.93
N7 3WN B . 5.41 12.04 -0.23
N9 3WN B . 6.43 10.32 -1.41
O11 3WN B . 7.82 8.90 2.38
N12 3WN B . 7.75 8.65 -0.29
C17 3WN B . 8.45 6.10 -2.85
C17 3WN B . 9.50 8.15 -3.54
C18 3WN B . 9.21 8.73 -2.24
C18 3WN B . 8.05 6.71 -1.65
N19 3WN B . 8.05 4.80 -3.18
N19 3WN B . 10.23 8.84 -4.50
S SO4 C . 5.90 -3.73 12.94
O1 SO4 C . 5.87 -2.28 12.69
O2 SO4 C . 4.80 -4.39 12.20
O3 SO4 C . 7.18 -4.31 12.59
O4 SO4 C . 5.75 -3.93 14.39
#